data_1R12
#
_entry.id   1R12
#
_cell.length_a   69.856
_cell.length_b   58.503
_cell.length_c   71.603
_cell.angle_alpha   90.00
_cell.angle_beta   100.80
_cell.angle_gamma   90.00
#
_symmetry.space_group_name_H-M   'P 1 21 1'
#
loop_
_entity.id
_entity.type
_entity.pdbx_description
1 polymer 'ADP-ribosyl cyclase'
2 water water
#
_entity_poly.entity_id   1
_entity_poly.type   'polypeptide(L)'
_entity_poly.pdbx_seq_one_letter_code
;IVPTRELENVFLGRCKDYEITRYLDILPRVRSDCSALWKDFFKAFSFKNPCDLDLGSYKDFFTSAQQQLPKNKVMFWSGV
YDEAHDYANTGRKYITLEDTLPGYMLNSLVWCGQRANPGFNEKVCPDFKTCPVQARESFWGMASSSYAHSAEGEVTYMVD
GSNPKVPAYRPDSFFGKYELPNLTNKVTRVKVIVLHRLGEKIIEKCGAGSLLDLEKLVKAKHFAFDCVENPRAVLFLLCS
DNPNARECRLAKRFYRIA
;
_entity_poly.pdbx_strand_id   A,B
#
# COMPACT_ATOMS: atom_id res chain seq x y z
N ILE A 1 -12.43 7.80 -22.85
CA ILE A 1 -11.40 7.30 -21.92
C ILE A 1 -11.32 5.77 -22.14
N VAL A 2 -10.13 5.20 -21.91
CA VAL A 2 -9.94 3.78 -22.09
C VAL A 2 -10.31 3.10 -20.78
N PRO A 3 -11.24 2.13 -20.80
CA PRO A 3 -11.62 1.45 -19.54
C PRO A 3 -10.62 0.39 -19.16
N THR A 4 -10.73 -0.06 -17.91
CA THR A 4 -9.89 -1.13 -17.37
C THR A 4 -10.23 -2.42 -18.12
N ARG A 5 -9.20 -3.12 -18.60
CA ARG A 5 -9.43 -4.39 -19.28
C ARG A 5 -9.82 -5.49 -18.26
N GLU A 6 -10.54 -6.51 -18.73
CA GLU A 6 -10.84 -7.67 -17.84
C GLU A 6 -11.41 -7.23 -16.48
N LEU A 7 -12.42 -6.35 -16.54
CA LEU A 7 -13.01 -5.77 -15.33
C LEU A 7 -13.47 -6.84 -14.35
N GLU A 8 -14.18 -7.85 -14.84
CA GLU A 8 -14.69 -8.91 -13.93
C GLU A 8 -13.50 -9.64 -13.28
N ASN A 9 -12.47 -9.98 -14.10
CA ASN A 9 -11.30 -10.67 -13.54
C ASN A 9 -10.56 -9.82 -12.46
N VAL A 10 -10.43 -8.52 -12.73
CA VAL A 10 -9.75 -7.65 -11.77
C VAL A 10 -10.58 -7.54 -10.50
N PHE A 11 -11.87 -7.31 -10.68
CA PHE A 11 -12.74 -7.20 -9.50
C PHE A 11 -12.70 -8.46 -8.65
N LEU A 12 -12.89 -9.63 -9.29
CA LEU A 12 -12.88 -10.84 -8.58
C LEU A 12 -11.54 -11.13 -7.93
N GLY A 13 -10.43 -10.75 -8.60
CA GLY A 13 -9.11 -11.01 -8.03
C GLY A 13 -8.83 -10.14 -6.80
N ARG A 14 -9.17 -8.86 -6.90
CA ARG A 14 -9.01 -7.96 -5.74
C ARG A 14 -9.95 -8.40 -4.59
N CYS A 15 -11.16 -8.85 -4.91
CA CYS A 15 -12.09 -9.27 -3.87
C CYS A 15 -11.57 -10.48 -3.07
N LYS A 16 -10.98 -11.46 -3.78
CA LYS A 16 -10.42 -12.67 -3.12
C LYS A 16 -9.16 -12.30 -2.38
N ASP A 17 -8.29 -11.47 -2.97
CA ASP A 17 -7.06 -11.02 -2.28
C ASP A 17 -7.52 -10.29 -0.94
N TYR A 18 -8.54 -9.45 -1.05
CA TYR A 18 -8.99 -8.72 0.14
C TYR A 18 -9.52 -9.70 1.19
N GLU A 19 -10.42 -10.55 0.75
CA GLU A 19 -11.06 -11.51 1.65
C GLU A 19 -10.10 -12.32 2.54
N ILE A 20 -9.09 -12.90 1.88
CA ILE A 20 -8.17 -13.81 2.58
C ILE A 20 -6.98 -13.08 3.22
N THR A 21 -6.61 -11.91 2.69
CA THR A 21 -5.37 -11.29 3.20
C THR A 21 -5.30 -9.85 3.60
N ARG A 22 -6.32 -9.02 3.32
CA ARG A 22 -6.18 -7.58 3.59
C ARG A 22 -7.01 -7.12 4.78
N TYR A 23 -6.41 -6.22 5.57
CA TYR A 23 -7.08 -5.61 6.74
C TYR A 23 -7.67 -6.68 7.69
N LEU A 24 -7.04 -7.83 7.80
CA LEU A 24 -7.62 -8.95 8.60
C LEU A 24 -7.95 -8.64 10.04
N ASP A 25 -7.16 -7.80 10.67
CA ASP A 25 -7.48 -7.48 12.07
C ASP A 25 -7.91 -6.03 12.22
N ILE A 26 -8.24 -5.40 11.09
CA ILE A 26 -8.66 -4.01 11.05
C ILE A 26 -10.14 -3.82 10.66
N LEU A 27 -10.62 -4.53 9.64
CA LEU A 27 -12.01 -4.42 9.16
C LEU A 27 -12.61 -5.79 9.09
N PRO A 28 -13.93 -5.91 9.31
CA PRO A 28 -14.57 -7.23 9.27
C PRO A 28 -14.69 -7.75 7.85
N ARG A 29 -14.90 -9.06 7.74
CA ARG A 29 -15.10 -9.67 6.43
C ARG A 29 -16.56 -9.38 6.02
N VAL A 30 -16.85 -9.39 4.73
CA VAL A 30 -18.20 -9.19 4.19
C VAL A 30 -18.80 -10.60 3.99
N ARG A 31 -20.09 -10.78 4.28
CA ARG A 31 -20.73 -12.10 4.13
C ARG A 31 -20.95 -12.57 2.69
N SER A 32 -21.28 -11.66 1.79
CA SER A 32 -21.53 -12.09 0.38
C SER A 32 -20.24 -12.57 -0.29
N ASP A 33 -20.37 -13.62 -1.11
CA ASP A 33 -19.25 -14.21 -1.86
C ASP A 33 -18.82 -13.19 -2.96
N CYS A 34 -17.58 -13.29 -3.39
CA CYS A 34 -17.12 -12.36 -4.43
C CYS A 34 -17.98 -12.44 -5.70
N SER A 35 -18.40 -13.67 -6.07
CA SER A 35 -19.24 -13.81 -7.24
C SER A 35 -20.59 -13.10 -7.07
N ALA A 36 -21.14 -13.14 -5.84
CA ALA A 36 -22.43 -12.47 -5.59
C ALA A 36 -22.24 -10.94 -5.66
N LEU A 37 -21.10 -10.45 -5.15
CA LEU A 37 -20.83 -9.01 -5.21
C LEU A 37 -20.67 -8.59 -6.67
N TRP A 38 -19.98 -9.38 -7.48
CA TRP A 38 -19.82 -9.01 -8.90
C TRP A 38 -21.20 -8.92 -9.57
N LYS A 39 -22.06 -9.92 -9.36
CA LYS A 39 -23.40 -9.85 -9.94
C LYS A 39 -24.12 -8.57 -9.56
N ASP A 40 -24.02 -8.17 -8.28
CA ASP A 40 -24.70 -6.92 -7.84
C ASP A 40 -24.16 -5.66 -8.52
N PHE A 41 -22.84 -5.61 -8.55
CA PHE A 41 -22.14 -4.51 -9.16
C PHE A 41 -22.44 -4.40 -10.63
N PHE A 42 -22.36 -5.54 -11.35
CA PHE A 42 -22.57 -5.53 -12.80
C PHE A 42 -24.05 -5.19 -13.14
N LYS A 43 -24.98 -5.60 -12.28
CA LYS A 43 -26.44 -5.30 -12.50
C LYS A 43 -26.68 -3.80 -12.29
N ALA A 44 -25.92 -3.19 -11.40
CA ALA A 44 -26.10 -1.75 -11.18
C ALA A 44 -25.86 -0.85 -12.41
N PHE A 45 -24.79 -1.13 -13.19
CA PHE A 45 -24.51 -0.24 -14.32
C PHE A 45 -24.67 -0.80 -15.73
N SER A 46 -24.80 -2.12 -15.86
CA SER A 46 -24.88 -2.66 -17.20
C SER A 46 -26.21 -2.39 -17.88
N PHE A 47 -26.15 -2.32 -19.22
CA PHE A 47 -27.31 -2.08 -20.09
C PHE A 47 -27.97 -0.77 -19.78
N LYS A 48 -27.16 0.21 -19.35
CA LYS A 48 -27.66 1.55 -19.09
C LYS A 48 -26.67 2.57 -19.72
N ASN A 49 -27.21 3.67 -20.27
CA ASN A 49 -26.30 4.70 -20.79
C ASN A 49 -25.61 5.29 -19.57
N PRO A 50 -24.29 5.52 -19.60
CA PRO A 50 -23.66 6.12 -18.39
C PRO A 50 -24.34 7.39 -17.92
N CYS A 51 -24.86 8.18 -18.86
CA CYS A 51 -25.46 9.42 -18.43
C CYS A 51 -26.79 9.31 -17.71
N ASP A 52 -27.34 8.09 -17.67
CA ASP A 52 -28.57 7.81 -16.98
C ASP A 52 -28.42 7.25 -15.54
N LEU A 53 -27.19 6.97 -15.10
CA LEU A 53 -27.00 6.50 -13.72
C LEU A 53 -27.37 7.61 -12.71
N ASP A 54 -27.65 7.22 -11.47
CA ASP A 54 -27.96 8.21 -10.44
C ASP A 54 -27.56 7.68 -9.05
N LEU A 55 -27.80 8.46 -8.00
CA LEU A 55 -27.37 8.01 -6.68
C LEU A 55 -27.91 6.66 -6.27
N GLY A 56 -29.05 6.23 -6.81
CA GLY A 56 -29.53 4.92 -6.41
C GLY A 56 -29.04 3.71 -7.22
N SER A 57 -28.29 3.97 -8.29
CA SER A 57 -27.90 2.88 -9.17
C SER A 57 -27.15 1.80 -8.47
N TYR A 58 -26.20 2.19 -7.61
CA TYR A 58 -25.37 1.19 -6.92
C TYR A 58 -25.79 0.93 -5.48
N LYS A 59 -26.95 1.45 -5.09
CA LYS A 59 -27.40 1.26 -3.72
C LYS A 59 -27.44 -0.21 -3.23
N ASP A 60 -27.96 -1.14 -4.02
CA ASP A 60 -27.99 -2.52 -3.50
C ASP A 60 -26.57 -3.15 -3.39
N PHE A 61 -25.66 -2.80 -4.30
CA PHE A 61 -24.29 -3.30 -4.25
C PHE A 61 -23.65 -2.80 -2.95
N PHE A 62 -23.82 -1.53 -2.64
CA PHE A 62 -23.23 -1.02 -1.42
C PHE A 62 -23.87 -1.62 -0.18
N THR A 63 -25.17 -1.90 -0.22
CA THR A 63 -25.74 -2.55 0.94
C THR A 63 -25.05 -3.91 1.16
N SER A 64 -24.78 -4.68 0.08
CA SER A 64 -24.16 -5.97 0.26
C SER A 64 -22.69 -5.87 0.68
N ALA A 65 -22.03 -4.84 0.17
CA ALA A 65 -20.61 -4.70 0.44
C ALA A 65 -20.22 -3.93 1.67
N GLN A 66 -21.18 -3.34 2.35
CA GLN A 66 -20.76 -2.48 3.47
C GLN A 66 -20.32 -3.16 4.76
N GLN A 67 -19.18 -2.73 5.29
CA GLN A 67 -18.61 -3.26 6.52
C GLN A 67 -18.86 -2.32 7.70
N GLN A 68 -19.01 -2.90 8.90
CA GLN A 68 -19.11 -2.05 10.10
C GLN A 68 -17.68 -1.51 10.25
N LEU A 69 -17.58 -0.24 10.63
CA LEU A 69 -16.30 0.46 10.73
C LEU A 69 -15.86 0.67 12.16
N PRO A 70 -14.57 0.55 12.44
CA PRO A 70 -14.01 0.71 13.80
C PRO A 70 -14.23 2.10 14.39
N LYS A 71 -14.71 2.14 15.63
CA LYS A 71 -15.00 3.43 16.25
C LYS A 71 -13.78 4.36 16.32
N ASN A 72 -14.04 5.65 16.08
CA ASN A 72 -13.05 6.72 16.13
C ASN A 72 -11.98 6.73 15.05
N LYS A 73 -12.07 5.81 14.09
CA LYS A 73 -11.00 5.67 13.12
C LYS A 73 -11.29 6.12 11.73
N VAL A 74 -12.52 6.48 11.43
CA VAL A 74 -12.86 6.87 10.07
C VAL A 74 -12.27 8.23 9.68
N MET A 75 -11.75 8.30 8.48
CA MET A 75 -11.19 9.56 7.97
C MET A 75 -11.80 9.88 6.64
N PHE A 76 -12.06 11.19 6.46
CA PHE A 76 -12.57 11.76 5.23
C PHE A 76 -11.47 12.70 4.75
N TRP A 77 -11.44 12.97 3.44
CA TRP A 77 -10.35 13.83 2.94
C TRP A 77 -10.85 14.73 1.79
N SER A 78 -10.17 15.86 1.55
CA SER A 78 -10.60 16.73 0.44
C SER A 78 -9.36 17.46 -0.06
N GLY A 79 -8.99 17.23 -1.31
CA GLY A 79 -7.81 17.91 -1.88
C GLY A 79 -6.42 17.45 -1.48
N VAL A 80 -6.33 16.44 -0.62
CA VAL A 80 -5.08 15.93 -0.12
C VAL A 80 -5.06 14.38 -0.13
N TYR A 81 -5.46 13.79 -1.25
CA TYR A 81 -5.47 12.33 -1.30
C TYR A 81 -4.18 11.65 -0.87
N ASP A 82 -3.05 12.07 -1.44
CA ASP A 82 -1.84 11.38 -1.11
C ASP A 82 -1.42 11.52 0.33
N GLU A 83 -1.52 12.74 0.87
CA GLU A 83 -1.13 12.98 2.27
C GLU A 83 -2.06 12.26 3.25
N ALA A 84 -3.36 12.32 2.97
CA ALA A 84 -4.30 11.67 3.87
C ALA A 84 -4.07 10.16 3.92
N HIS A 85 -3.82 9.55 2.75
CA HIS A 85 -3.63 8.11 2.72
C HIS A 85 -2.32 7.69 3.30
N ASP A 86 -1.30 8.55 3.15
CA ASP A 86 -0.02 8.19 3.74
C ASP A 86 -0.16 8.24 5.26
N TYR A 87 -0.87 9.26 5.75
CA TYR A 87 -1.01 9.43 7.20
C TYR A 87 -1.90 8.33 7.79
N ALA A 88 -2.92 7.94 7.06
CA ALA A 88 -3.87 6.89 7.55
C ALA A 88 -3.12 5.55 7.64
N ASN A 89 -2.13 5.41 6.78
CA ASN A 89 -1.22 4.25 6.83
C ASN A 89 -1.85 2.86 6.68
N THR A 90 -2.54 2.66 5.57
CA THR A 90 -3.17 1.37 5.28
C THR A 90 -4.01 0.78 6.43
N GLY A 91 -4.82 1.65 7.04
CA GLY A 91 -5.72 1.20 8.07
C GLY A 91 -5.22 1.13 9.48
N ARG A 92 -3.90 1.34 9.63
CA ARG A 92 -3.28 1.23 10.94
C ARG A 92 -3.52 2.43 11.82
N LYS A 93 -3.52 3.62 11.23
CA LYS A 93 -3.82 4.78 12.03
C LYS A 93 -5.27 5.19 11.81
N TYR A 94 -5.72 5.30 10.55
CA TYR A 94 -7.12 5.66 10.28
C TYR A 94 -7.58 4.79 9.11
N ILE A 95 -8.89 4.67 8.97
CA ILE A 95 -9.48 3.93 7.86
C ILE A 95 -9.85 5.00 6.83
N THR A 96 -9.65 4.72 5.53
CA THR A 96 -10.15 5.62 4.49
C THR A 96 -11.13 4.72 3.65
N LEU A 97 -11.93 5.37 2.79
CA LEU A 97 -12.88 4.60 1.93
C LEU A 97 -12.13 3.57 1.10
N GLU A 98 -10.90 3.92 0.66
CA GLU A 98 -10.10 3.01 -0.14
C GLU A 98 -9.60 1.76 0.58
N ASP A 99 -9.72 1.72 1.91
CA ASP A 99 -9.38 0.52 2.69
C ASP A 99 -10.55 -0.44 2.83
N THR A 100 -11.75 0.07 2.58
CA THR A 100 -12.96 -0.77 2.69
C THR A 100 -13.05 -1.68 1.49
N LEU A 101 -13.89 -2.71 1.57
CA LEU A 101 -13.94 -3.66 0.44
C LEU A 101 -14.34 -3.03 -0.92
N PRO A 102 -15.44 -2.27 -0.97
CA PRO A 102 -15.80 -1.70 -2.28
C PRO A 102 -14.77 -0.70 -2.74
N GLY A 103 -14.27 0.07 -1.81
CA GLY A 103 -13.26 1.07 -2.19
C GLY A 103 -11.99 0.43 -2.72
N TYR A 104 -11.56 -0.64 -2.08
CA TYR A 104 -10.33 -1.34 -2.52
C TYR A 104 -10.58 -2.00 -3.88
N MET A 105 -11.74 -2.63 -4.06
CA MET A 105 -11.97 -3.29 -5.34
C MET A 105 -12.04 -2.37 -6.52
N LEU A 106 -12.67 -1.19 -6.40
CA LEU A 106 -12.82 -0.32 -7.58
C LEU A 106 -11.84 0.82 -7.63
N ASN A 107 -10.98 0.95 -6.64
CA ASN A 107 -10.00 2.06 -6.66
C ASN A 107 -9.23 2.17 -7.98
N SER A 108 -9.28 3.35 -8.57
CA SER A 108 -8.60 3.66 -9.83
C SER A 108 -9.10 2.97 -11.09
N LEU A 109 -10.15 2.19 -11.00
CA LEU A 109 -10.64 1.50 -12.20
C LEU A 109 -11.56 2.44 -12.97
N VAL A 110 -11.75 2.12 -14.26
CA VAL A 110 -12.60 2.90 -15.14
C VAL A 110 -13.51 1.91 -15.84
N TRP A 111 -14.82 2.18 -15.86
CA TRP A 111 -15.74 1.27 -16.56
C TRP A 111 -16.95 2.04 -17.07
N CYS A 112 -17.74 1.39 -17.94
CA CYS A 112 -18.96 2.07 -18.42
C CYS A 112 -19.93 1.04 -18.98
N GLY A 113 -21.22 1.25 -18.67
CA GLY A 113 -22.20 0.38 -19.28
C GLY A 113 -22.56 0.96 -20.67
N GLN A 114 -23.30 0.15 -21.43
CA GLN A 114 -23.80 0.62 -22.73
C GLN A 114 -25.12 -0.16 -22.91
N ARG A 115 -25.99 0.34 -23.80
CA ARG A 115 -27.25 -0.36 -24.03
C ARG A 115 -27.14 -1.60 -24.89
N ALA A 116 -26.18 -1.69 -25.81
CA ALA A 116 -26.04 -2.92 -26.64
C ALA A 116 -25.26 -4.05 -25.95
N ASN A 117 -25.46 -5.29 -26.38
CA ASN A 117 -24.69 -6.40 -25.86
C ASN A 117 -23.20 -6.11 -25.94
N PRO A 118 -22.44 -6.52 -24.91
CA PRO A 118 -22.82 -7.24 -23.69
C PRO A 118 -23.22 -6.33 -22.51
N GLY A 119 -23.64 -5.10 -22.81
CA GLY A 119 -24.10 -4.22 -21.75
C GLY A 119 -23.03 -3.35 -21.11
N PHE A 120 -21.78 -3.49 -21.54
CA PHE A 120 -20.72 -2.61 -21.01
C PHE A 120 -19.69 -2.66 -22.09
N ASN A 121 -18.74 -1.73 -22.04
CA ASN A 121 -17.72 -1.70 -23.10
C ASN A 121 -16.33 -1.81 -22.48
N GLU A 122 -15.52 -2.75 -22.94
CA GLU A 122 -14.18 -2.91 -22.36
C GLU A 122 -13.07 -2.40 -23.23
N LYS A 123 -13.44 -1.62 -24.24
CA LYS A 123 -12.46 -1.03 -25.14
C LYS A 123 -12.48 0.50 -25.15
N VAL A 124 -13.66 1.09 -25.02
CA VAL A 124 -13.79 2.52 -25.03
C VAL A 124 -15.03 3.02 -24.31
N CYS A 125 -14.89 4.16 -23.62
CA CYS A 125 -15.97 4.75 -22.89
C CYS A 125 -16.10 6.20 -23.24
N PRO A 126 -17.32 6.72 -23.17
CA PRO A 126 -17.45 8.16 -23.48
C PRO A 126 -16.83 8.94 -22.29
N ASP A 127 -16.27 10.11 -22.56
CA ASP A 127 -15.71 10.90 -21.47
C ASP A 127 -16.92 11.22 -20.62
N PHE A 128 -16.80 11.05 -19.32
CA PHE A 128 -17.96 11.27 -18.45
C PHE A 128 -18.34 12.72 -18.13
N LYS A 129 -17.48 13.68 -18.51
CA LYS A 129 -17.75 15.09 -18.22
C LYS A 129 -19.07 15.52 -18.83
N THR A 130 -19.44 14.88 -19.92
CA THR A 130 -20.68 15.15 -20.63
C THR A 130 -21.94 14.72 -19.86
N CYS A 131 -21.76 13.85 -18.87
CA CYS A 131 -22.91 13.39 -18.11
C CYS A 131 -23.34 14.31 -17.00
N PRO A 132 -24.59 14.19 -16.54
CA PRO A 132 -25.03 15.06 -15.44
C PRO A 132 -24.31 14.64 -14.15
N VAL A 133 -24.22 15.56 -13.18
CA VAL A 133 -23.51 15.29 -11.95
C VAL A 133 -23.95 14.07 -11.19
N GLN A 134 -25.24 13.78 -11.16
CA GLN A 134 -25.68 12.60 -10.41
C GLN A 134 -25.23 11.29 -11.06
N ALA A 135 -24.90 11.34 -12.35
CA ALA A 135 -24.43 10.12 -13.03
C ALA A 135 -22.91 10.10 -12.85
N ARG A 136 -22.28 11.29 -12.92
CA ARG A 136 -20.83 11.31 -12.79
C ARG A 136 -20.44 10.82 -11.40
N GLU A 137 -21.22 11.19 -10.39
CA GLU A 137 -20.91 10.78 -9.01
C GLU A 137 -21.70 9.58 -8.51
N SER A 138 -22.41 8.92 -9.42
CA SER A 138 -23.22 7.75 -9.01
C SER A 138 -22.48 6.73 -8.13
N PHE A 139 -21.33 6.25 -8.62
CA PHE A 139 -20.60 5.28 -7.81
C PHE A 139 -19.89 5.81 -6.57
N TRP A 140 -18.94 6.75 -6.75
CA TRP A 140 -18.21 7.19 -5.57
C TRP A 140 -19.03 8.03 -4.61
N GLY A 141 -20.10 8.64 -5.12
CA GLY A 141 -20.99 9.38 -4.23
C GLY A 141 -21.76 8.42 -3.31
N MET A 142 -22.34 7.36 -3.88
CA MET A 142 -23.04 6.36 -3.09
C MET A 142 -22.00 5.66 -2.16
N ALA A 143 -20.76 5.47 -2.64
CA ALA A 143 -19.77 4.84 -1.79
C ALA A 143 -19.50 5.66 -0.55
N SER A 144 -19.33 6.96 -0.80
CA SER A 144 -19.06 7.93 0.27
C SER A 144 -20.23 8.00 1.25
N SER A 145 -21.46 8.00 0.72
CA SER A 145 -22.65 8.06 1.59
C SER A 145 -22.75 6.84 2.50
N SER A 146 -22.56 5.65 1.92
CA SER A 146 -22.65 4.44 2.72
C SER A 146 -21.55 4.32 3.79
N TYR A 147 -20.33 4.72 3.38
CA TYR A 147 -19.18 4.70 4.27
C TYR A 147 -19.43 5.72 5.40
N ALA A 148 -19.80 6.96 5.08
CA ALA A 148 -20.00 7.96 6.14
C ALA A 148 -21.11 7.51 7.09
N HIS A 149 -22.13 6.89 6.50
CA HIS A 149 -23.27 6.43 7.32
C HIS A 149 -22.93 5.36 8.34
N SER A 150 -21.81 4.66 8.10
CA SER A 150 -21.35 3.63 8.98
C SER A 150 -20.35 4.14 10.03
N ALA A 151 -19.95 5.40 9.96
CA ALA A 151 -18.98 5.92 10.90
C ALA A 151 -19.53 6.04 12.35
N GLU A 152 -18.68 5.77 13.34
CA GLU A 152 -19.08 5.90 14.74
C GLU A 152 -17.95 6.52 15.55
N GLY A 153 -18.27 7.32 16.57
CA GLY A 153 -17.19 7.91 17.38
C GLY A 153 -16.67 9.19 16.78
N GLU A 154 -15.39 9.44 16.93
CA GLU A 154 -14.82 10.66 16.36
C GLU A 154 -14.53 10.34 14.87
N VAL A 155 -14.72 11.34 13.99
CA VAL A 155 -14.34 11.20 12.57
C VAL A 155 -13.35 12.32 12.34
N THR A 156 -12.46 12.13 11.35
CA THR A 156 -11.43 13.10 11.07
C THR A 156 -11.60 13.50 9.63
N TYR A 157 -11.29 14.77 9.35
CA TYR A 157 -11.44 15.28 7.98
C TYR A 157 -10.18 16.03 7.67
N MET A 158 -9.41 15.55 6.68
CA MET A 158 -8.16 16.29 6.37
C MET A 158 -8.44 17.11 5.11
N VAL A 159 -8.06 18.39 5.14
CA VAL A 159 -8.34 19.34 4.03
C VAL A 159 -7.10 20.12 3.63
N ASP A 160 -7.13 20.64 2.40
CA ASP A 160 -6.04 21.45 1.85
C ASP A 160 -6.26 22.88 2.28
N GLY A 161 -5.33 23.44 3.05
CA GLY A 161 -5.47 24.82 3.48
C GLY A 161 -4.57 25.77 2.70
N SER A 162 -4.03 25.32 1.56
CA SER A 162 -3.07 26.16 0.78
C SER A 162 -3.49 26.31 -0.69
N ASN A 163 -4.76 26.11 -0.98
CA ASN A 163 -5.24 26.22 -2.37
C ASN A 163 -6.07 27.48 -2.46
N PRO A 164 -5.56 28.53 -3.10
CA PRO A 164 -6.34 29.77 -3.19
C PRO A 164 -7.55 29.68 -4.11
N LYS A 165 -7.61 28.64 -4.93
CA LYS A 165 -8.73 28.51 -5.87
C LYS A 165 -9.88 27.60 -5.36
N VAL A 166 -9.55 26.72 -4.40
CA VAL A 166 -10.51 25.74 -3.85
C VAL A 166 -10.57 25.84 -2.32
N PRO A 167 -11.67 26.38 -1.76
CA PRO A 167 -11.77 26.51 -0.29
C PRO A 167 -11.60 25.18 0.40
N ALA A 168 -11.10 25.21 1.63
CA ALA A 168 -10.91 24.02 2.41
C ALA A 168 -12.23 23.29 2.60
N TYR A 169 -13.32 24.01 2.86
CA TYR A 169 -14.60 23.31 2.97
C TYR A 169 -15.53 23.90 1.89
N ARG A 170 -16.19 23.03 1.10
CA ARG A 170 -17.14 23.49 0.06
C ARG A 170 -18.40 22.65 0.17
N PRO A 171 -19.59 23.26 0.12
CA PRO A 171 -20.87 22.54 0.21
C PRO A 171 -21.00 21.53 -0.90
N ASP A 172 -20.43 21.81 -2.07
CA ASP A 172 -20.57 20.84 -3.14
C ASP A 172 -19.48 19.79 -3.28
N SER A 173 -18.61 19.62 -2.28
CA SER A 173 -17.59 18.61 -2.43
C SER A 173 -18.29 17.32 -1.99
N PHE A 174 -17.57 16.19 -2.08
CA PHE A 174 -18.16 14.92 -1.65
C PHE A 174 -18.37 14.97 -0.18
N PHE A 175 -17.45 15.64 0.50
CA PHE A 175 -17.65 15.73 1.93
C PHE A 175 -18.94 16.54 2.21
N GLY A 176 -19.14 17.66 1.55
CA GLY A 176 -20.34 18.42 1.87
C GLY A 176 -21.63 17.83 1.36
N LYS A 177 -21.56 17.06 0.28
CA LYS A 177 -22.79 16.50 -0.31
C LYS A 177 -23.14 15.13 0.16
N TYR A 178 -22.11 14.29 0.37
CA TYR A 178 -22.37 12.90 0.71
C TYR A 178 -21.96 12.42 2.09
N GLU A 179 -20.90 12.98 2.65
CA GLU A 179 -20.41 12.50 3.94
C GLU A 179 -20.95 13.25 5.15
N LEU A 180 -20.70 14.56 5.25
CA LEU A 180 -21.22 15.29 6.41
C LEU A 180 -22.74 15.09 6.57
N PRO A 181 -23.52 15.20 5.47
CA PRO A 181 -24.98 15.01 5.66
C PRO A 181 -25.39 13.61 6.11
N ASN A 182 -24.46 12.65 5.99
CA ASN A 182 -24.79 11.28 6.38
C ASN A 182 -24.23 10.77 7.70
N LEU A 183 -23.60 11.65 8.49
CA LEU A 183 -23.04 11.19 9.76
C LEU A 183 -24.23 11.02 10.71
N THR A 184 -24.31 9.90 11.40
CA THR A 184 -25.44 9.67 12.31
C THR A 184 -25.09 10.12 13.70
N ASN A 185 -26.05 9.95 14.61
CA ASN A 185 -25.81 10.35 15.99
C ASN A 185 -24.86 9.42 16.74
N LYS A 186 -24.29 8.43 16.04
CA LYS A 186 -23.29 7.59 16.65
C LYS A 186 -21.95 8.32 16.52
N VAL A 187 -21.90 9.34 15.65
CA VAL A 187 -20.67 10.15 15.53
C VAL A 187 -20.77 11.21 16.65
N THR A 188 -19.64 11.47 17.30
CA THR A 188 -19.53 12.42 18.41
C THR A 188 -18.79 13.72 18.16
N ARG A 189 -17.89 13.72 17.21
CA ARG A 189 -17.03 14.88 17.03
C ARG A 189 -16.44 14.79 15.61
N VAL A 190 -16.20 15.95 15.00
CA VAL A 190 -15.55 16.02 13.69
C VAL A 190 -14.24 16.75 14.01
N LYS A 191 -13.11 16.06 13.73
CA LYS A 191 -11.79 16.60 13.98
C LYS A 191 -11.19 16.98 12.63
N VAL A 192 -10.90 18.28 12.44
CA VAL A 192 -10.39 18.75 11.17
C VAL A 192 -8.87 18.94 11.24
N ILE A 193 -8.19 18.44 10.22
CA ILE A 193 -6.73 18.61 10.11
C ILE A 193 -6.55 19.45 8.82
N VAL A 194 -6.03 20.65 9.01
CA VAL A 194 -5.78 21.52 7.87
C VAL A 194 -4.33 21.35 7.44
N LEU A 195 -4.12 20.91 6.20
CA LEU A 195 -2.76 20.73 5.71
C LEU A 195 -2.28 22.01 5.03
N HIS A 196 -1.15 22.55 5.47
CA HIS A 196 -0.54 23.74 4.85
C HIS A 196 0.72 23.20 4.12
N ARG A 197 0.65 23.12 2.79
CA ARG A 197 1.74 22.54 2.01
C ARG A 197 3.03 23.31 2.19
N LEU A 198 4.13 22.58 2.28
CA LEU A 198 5.38 23.26 2.53
C LEU A 198 5.75 24.20 1.39
N GLY A 199 6.25 25.36 1.77
CA GLY A 199 6.68 26.33 0.78
C GLY A 199 5.57 27.08 0.12
N GLU A 200 4.33 26.81 0.50
CA GLU A 200 3.20 27.51 -0.16
C GLU A 200 2.58 28.54 0.76
N LYS A 201 1.94 29.56 0.17
CA LYS A 201 1.27 30.56 1.00
C LYS A 201 0.09 29.94 1.76
N ILE A 202 0.00 30.26 3.04
CA ILE A 202 -1.14 29.78 3.83
C ILE A 202 -2.41 30.53 3.37
N ILE A 203 -3.46 29.76 3.11
CA ILE A 203 -4.70 30.33 2.63
C ILE A 203 -5.80 30.21 3.65
N GLU A 204 -6.04 29.02 4.18
CA GLU A 204 -7.17 28.80 5.12
C GLU A 204 -6.64 28.53 6.50
N LYS A 205 -7.36 29.01 7.52
CA LYS A 205 -6.98 28.87 8.92
C LYS A 205 -8.20 28.44 9.75
N CYS A 206 -7.99 27.67 10.81
CA CYS A 206 -9.11 27.22 11.64
C CYS A 206 -9.82 28.44 12.20
N GLY A 207 -11.14 28.36 12.35
CA GLY A 207 -11.93 29.46 12.90
C GLY A 207 -12.20 30.63 11.96
N ALA A 208 -11.80 30.49 10.68
CA ALA A 208 -12.00 31.57 9.72
C ALA A 208 -12.42 31.05 8.36
N GLY A 209 -13.03 31.91 7.56
CA GLY A 209 -13.43 31.48 6.23
C GLY A 209 -14.29 30.21 6.16
N SER A 210 -13.97 29.37 5.18
CA SER A 210 -14.80 28.21 4.97
C SER A 210 -14.72 27.26 6.16
N LEU A 211 -13.63 27.33 6.92
CA LEU A 211 -13.49 26.46 8.10
C LEU A 211 -14.45 26.92 9.23
N LEU A 212 -14.74 28.22 9.30
CA LEU A 212 -15.74 28.69 10.28
C LEU A 212 -17.13 28.28 9.76
N ASP A 213 -17.37 28.38 8.45
CA ASP A 213 -18.66 27.91 7.96
C ASP A 213 -18.88 26.41 8.38
N LEU A 214 -17.83 25.60 8.21
CA LEU A 214 -17.92 24.19 8.57
C LEU A 214 -18.14 23.99 10.06
N GLU A 215 -17.39 24.76 10.86
CA GLU A 215 -17.51 24.67 12.31
C GLU A 215 -18.98 24.89 12.69
N LYS A 216 -19.58 25.92 12.11
CA LYS A 216 -20.99 26.21 12.41
C LYS A 216 -21.92 25.02 12.05
N LEU A 217 -21.71 24.44 10.87
CA LEU A 217 -22.55 23.32 10.40
C LEU A 217 -22.43 22.14 11.32
N VAL A 218 -21.19 21.83 11.68
CA VAL A 218 -20.94 20.71 12.58
C VAL A 218 -21.65 20.88 13.92
N LYS A 219 -21.49 22.06 14.51
CA LYS A 219 -22.11 22.32 15.79
C LYS A 219 -23.63 22.27 15.67
N ALA A 220 -24.16 22.74 14.55
CA ALA A 220 -25.59 22.72 14.31
C ALA A 220 -26.14 21.29 14.27
N LYS A 221 -25.29 20.32 13.95
CA LYS A 221 -25.72 18.92 13.91
C LYS A 221 -25.39 18.29 15.25
N HIS A 222 -25.08 19.12 16.24
CA HIS A 222 -24.76 18.67 17.59
C HIS A 222 -23.52 17.76 17.74
N PHE A 223 -22.53 17.93 16.86
CA PHE A 223 -21.30 17.18 17.02
C PHE A 223 -20.31 18.18 17.61
N ALA A 224 -19.34 17.65 18.34
CA ALA A 224 -18.26 18.46 18.91
C ALA A 224 -17.35 18.76 17.71
N PHE A 225 -16.47 19.74 17.85
CA PHE A 225 -15.61 20.13 16.71
C PHE A 225 -14.27 20.58 17.18
N ASP A 226 -13.21 20.17 16.48
CA ASP A 226 -11.91 20.72 16.77
C ASP A 226 -11.15 20.79 15.44
N CYS A 227 -10.12 21.63 15.43
CA CYS A 227 -9.37 21.88 14.23
C CYS A 227 -7.92 22.23 14.54
N VAL A 228 -6.98 21.63 13.79
CA VAL A 228 -5.56 21.92 13.97
C VAL A 228 -4.92 22.08 12.58
N GLU A 229 -3.91 22.91 12.50
CA GLU A 229 -3.17 23.13 11.28
C GLU A 229 -1.76 22.48 11.39
N ASN A 230 -1.40 21.65 10.43
CA ASN A 230 -0.10 20.96 10.42
C ASN A 230 0.35 20.45 11.79
N PRO A 231 -0.45 19.59 12.42
CA PRO A 231 -0.06 19.03 13.72
C PRO A 231 1.28 18.32 13.48
N ARG A 232 2.08 18.17 14.53
CA ARG A 232 3.44 17.62 14.33
C ARG A 232 3.57 16.37 13.51
N ALA A 233 2.70 15.40 13.76
CA ALA A 233 2.84 14.14 13.04
C ALA A 233 2.66 14.28 11.54
N VAL A 234 1.76 15.20 11.16
CA VAL A 234 1.48 15.49 9.77
C VAL A 234 2.61 16.34 9.17
N LEU A 235 3.08 17.33 9.92
CA LEU A 235 4.20 18.14 9.46
C LEU A 235 5.38 17.23 9.15
N PHE A 236 5.70 16.31 10.05
CA PHE A 236 6.86 15.45 9.78
C PHE A 236 6.68 14.62 8.53
N LEU A 237 5.47 14.13 8.29
CA LEU A 237 5.20 13.39 7.05
C LEU A 237 5.48 14.28 5.81
N LEU A 238 5.05 15.53 5.85
CA LEU A 238 5.27 16.44 4.73
C LEU A 238 6.78 16.65 4.59
N CYS A 239 7.45 16.83 5.72
CA CYS A 239 8.90 17.07 5.75
C CYS A 239 9.69 15.92 5.17
N SER A 240 9.18 14.70 5.30
CA SER A 240 9.93 13.60 4.71
C SER A 240 10.08 13.72 3.22
N ASP A 241 9.16 14.42 2.54
CA ASP A 241 9.27 14.59 1.10
C ASP A 241 9.95 15.89 0.67
N ASN A 242 10.29 16.74 1.63
CA ASN A 242 10.92 18.04 1.32
C ASN A 242 11.64 18.42 2.62
N PRO A 243 12.67 17.64 2.98
CA PRO A 243 13.45 17.85 4.21
C PRO A 243 14.18 19.17 4.33
N ASN A 244 14.39 19.85 3.21
CA ASN A 244 15.11 21.12 3.27
C ASN A 244 14.20 22.33 3.35
N ALA A 245 12.88 22.09 3.35
CA ALA A 245 11.93 23.19 3.50
C ALA A 245 12.17 23.96 4.81
N ARG A 246 12.00 25.27 4.72
CA ARG A 246 12.17 26.16 5.87
C ARG A 246 11.37 25.66 7.07
N GLU A 247 10.12 25.21 6.86
CA GLU A 247 9.29 24.72 7.95
C GLU A 247 9.80 23.48 8.68
N CYS A 248 10.77 22.76 8.07
CA CYS A 248 11.28 21.52 8.62
C CYS A 248 12.61 21.61 9.37
N ARG A 249 13.11 22.81 9.60
CA ARG A 249 14.38 22.88 10.31
C ARG A 249 14.28 22.34 11.74
N LEU A 250 15.17 21.43 12.06
CA LEU A 250 15.18 20.85 13.40
C LEU A 250 16.22 21.58 14.19
N ALA A 251 16.19 21.39 15.51
CA ALA A 251 17.17 22.05 16.40
C ALA A 251 18.63 22.05 15.89
N ILE B 1 2.75 -24.01 11.79
CA ILE B 1 2.16 -22.70 11.36
C ILE B 1 0.93 -22.94 10.44
N VAL B 2 0.07 -21.93 10.32
CA VAL B 2 -1.18 -22.06 9.56
C VAL B 2 -1.05 -21.67 8.10
N PRO B 3 -1.32 -22.59 7.16
CA PRO B 3 -1.19 -22.17 5.76
C PRO B 3 -2.30 -21.26 5.33
N THR B 4 -1.96 -20.43 4.36
CA THR B 4 -2.93 -19.50 3.77
C THR B 4 -4.07 -20.32 3.15
N ARG B 5 -5.31 -19.87 3.37
CA ARG B 5 -6.42 -20.56 2.77
C ARG B 5 -6.55 -20.23 1.31
N GLU B 6 -7.08 -21.16 0.49
CA GLU B 6 -7.30 -20.91 -0.98
C GLU B 6 -6.05 -20.30 -1.66
N LEU B 7 -4.90 -20.93 -1.43
CA LEU B 7 -3.64 -20.44 -1.98
C LEU B 7 -3.71 -20.12 -3.50
N GLU B 8 -4.24 -21.07 -4.28
CA GLU B 8 -4.30 -20.87 -5.73
C GLU B 8 -5.16 -19.65 -6.07
N ASN B 9 -6.33 -19.54 -5.46
CA ASN B 9 -7.18 -18.38 -5.73
C ASN B 9 -6.52 -17.05 -5.33
N VAL B 10 -5.78 -17.04 -4.23
CA VAL B 10 -5.16 -15.78 -3.79
C VAL B 10 -4.01 -15.46 -4.74
N PHE B 11 -3.20 -16.49 -5.08
CA PHE B 11 -2.10 -16.26 -6.01
C PHE B 11 -2.64 -15.69 -7.34
N LEU B 12 -3.64 -16.39 -7.87
CA LEU B 12 -4.16 -15.97 -9.17
C LEU B 12 -4.85 -14.58 -9.09
N GLY B 13 -5.52 -14.28 -7.96
CA GLY B 13 -6.19 -12.98 -7.83
C GLY B 13 -5.16 -11.86 -7.77
N ARG B 14 -4.12 -12.07 -6.97
CA ARG B 14 -3.05 -11.06 -6.87
C ARG B 14 -2.33 -10.89 -8.21
N CYS B 15 -2.11 -12.00 -8.91
CA CYS B 15 -1.43 -11.95 -10.18
C CYS B 15 -2.21 -11.11 -11.19
N LYS B 16 -3.51 -11.35 -11.26
CA LYS B 16 -4.31 -10.62 -12.25
C LYS B 16 -4.44 -9.14 -11.89
N ASP B 17 -4.61 -8.86 -10.61
CA ASP B 17 -4.68 -7.49 -10.12
C ASP B 17 -3.37 -6.78 -10.48
N TYR B 18 -2.26 -7.43 -10.21
CA TYR B 18 -0.93 -6.83 -10.47
C TYR B 18 -0.79 -6.58 -11.99
N GLU B 19 -1.05 -7.63 -12.75
CA GLU B 19 -0.95 -7.59 -14.21
C GLU B 19 -1.62 -6.37 -14.81
N ILE B 20 -2.90 -6.20 -14.49
CA ILE B 20 -3.67 -5.10 -15.11
C ILE B 20 -3.57 -3.74 -14.46
N THR B 21 -3.31 -3.68 -13.16
CA THR B 21 -3.42 -2.42 -12.47
C THR B 21 -2.32 -1.92 -11.58
N ARG B 22 -1.31 -2.75 -11.30
CA ARG B 22 -0.27 -2.31 -10.32
C ARG B 22 1.12 -2.04 -10.94
N TYR B 23 1.75 -0.99 -10.43
CA TYR B 23 3.09 -0.52 -10.84
C TYR B 23 3.23 -0.29 -12.34
N LEU B 24 2.14 0.14 -13.01
CA LEU B 24 2.18 0.26 -14.45
C LEU B 24 3.21 1.23 -15.01
N ASP B 25 3.52 2.26 -14.24
CA ASP B 25 4.51 3.25 -14.73
C ASP B 25 5.90 3.05 -14.13
N ILE B 26 6.10 1.96 -13.37
CA ILE B 26 7.40 1.67 -12.73
C ILE B 26 8.03 0.33 -13.15
N LEU B 27 7.24 -0.74 -13.22
CA LEU B 27 7.73 -2.05 -13.61
C LEU B 27 7.04 -2.59 -14.85
N PRO B 28 7.79 -3.25 -15.71
CA PRO B 28 7.23 -3.80 -16.93
C PRO B 28 6.38 -5.02 -16.58
N ARG B 29 5.51 -5.43 -17.50
CA ARG B 29 4.68 -6.60 -17.31
C ARG B 29 5.52 -7.81 -17.73
N VAL B 30 5.24 -9.00 -17.21
CA VAL B 30 6.00 -10.12 -17.71
C VAL B 30 5.24 -10.79 -18.82
N ARG B 31 5.96 -11.60 -19.58
CA ARG B 31 5.37 -12.33 -20.70
C ARG B 31 4.36 -13.40 -20.34
N SER B 32 4.61 -14.18 -19.29
CA SER B 32 3.76 -15.32 -18.92
C SER B 32 2.41 -14.95 -18.32
N ASP B 33 1.38 -15.74 -18.63
CA ASP B 33 0.08 -15.44 -18.04
C ASP B 33 0.03 -16.02 -16.62
N CYS B 34 -0.97 -15.56 -15.84
CA CYS B 34 -1.09 -16.00 -14.48
C CYS B 34 -1.23 -17.52 -14.32
N SER B 35 -1.94 -18.18 -15.24
CA SER B 35 -2.02 -19.64 -15.06
C SER B 35 -0.66 -20.37 -15.27
N ALA B 36 0.14 -19.87 -16.21
CA ALA B 36 1.49 -20.45 -16.48
C ALA B 36 2.40 -20.23 -15.26
N LEU B 37 2.28 -19.04 -14.68
CA LEU B 37 3.06 -18.76 -13.47
C LEU B 37 2.63 -19.67 -12.30
N TRP B 38 1.32 -19.93 -12.14
CA TRP B 38 0.89 -20.79 -11.07
C TRP B 38 1.49 -22.20 -11.27
N LYS B 39 1.47 -22.70 -12.52
CA LYS B 39 2.00 -24.03 -12.80
C LYS B 39 3.49 -24.12 -12.38
N ASP B 40 4.26 -23.06 -12.70
CA ASP B 40 5.69 -23.06 -12.35
C ASP B 40 5.90 -22.99 -10.84
N PHE B 41 5.13 -22.13 -10.17
CA PHE B 41 5.18 -22.00 -8.74
C PHE B 41 4.80 -23.31 -8.02
N PHE B 42 3.67 -23.91 -8.42
CA PHE B 42 3.15 -25.09 -7.76
C PHE B 42 4.09 -26.29 -7.91
N LYS B 43 4.70 -26.41 -9.05
CA LYS B 43 5.53 -27.59 -9.26
C LYS B 43 6.82 -27.54 -8.45
N ALA B 44 7.16 -26.37 -7.94
CA ALA B 44 8.39 -26.28 -7.19
C ALA B 44 8.33 -26.99 -5.89
N PHE B 45 7.15 -27.04 -5.25
CA PHE B 45 7.00 -27.65 -3.94
C PHE B 45 5.96 -28.74 -3.84
N SER B 46 5.13 -28.90 -4.87
CA SER B 46 4.02 -29.88 -4.76
C SER B 46 4.44 -31.34 -4.81
N PHE B 47 3.65 -32.18 -4.15
CA PHE B 47 3.92 -33.61 -4.15
C PHE B 47 5.30 -34.02 -3.62
N LYS B 48 5.84 -33.20 -2.72
CA LYS B 48 7.09 -33.48 -2.03
C LYS B 48 6.87 -33.22 -0.53
N ASN B 49 7.78 -33.76 0.29
CA ASN B 49 7.74 -33.55 1.71
C ASN B 49 7.97 -32.05 1.90
N PRO B 50 7.33 -31.45 2.90
CA PRO B 50 7.46 -30.00 3.15
C PRO B 50 8.87 -29.45 3.23
N CYS B 51 9.85 -30.27 3.61
CA CYS B 51 11.22 -29.77 3.69
C CYS B 51 12.14 -30.14 2.53
N ASP B 52 11.57 -30.75 1.49
CA ASP B 52 12.32 -31.19 0.34
C ASP B 52 12.45 -30.08 -0.69
N LEU B 53 13.16 -29.01 -0.32
CA LEU B 53 13.39 -27.87 -1.20
C LEU B 53 14.83 -27.43 -1.04
N ASP B 54 15.32 -26.74 -2.05
CA ASP B 54 16.66 -26.15 -2.04
C ASP B 54 16.63 -24.89 -2.92
N LEU B 55 17.77 -24.21 -3.13
CA LEU B 55 17.74 -22.97 -3.90
C LEU B 55 17.28 -23.12 -5.32
N GLY B 56 17.36 -24.31 -5.88
CA GLY B 56 16.90 -24.43 -7.24
C GLY B 56 15.41 -24.79 -7.43
N SER B 57 14.71 -25.07 -6.35
CA SER B 57 13.31 -25.55 -6.45
C SER B 57 12.38 -24.66 -7.25
N TYR B 58 12.45 -23.36 -7.01
CA TYR B 58 11.56 -22.42 -7.69
C TYR B 58 12.24 -21.79 -8.87
N LYS B 59 13.31 -22.41 -9.37
CA LYS B 59 14.01 -21.80 -10.49
C LYS B 59 13.14 -21.35 -11.70
N ASP B 60 12.27 -22.23 -12.19
CA ASP B 60 11.43 -21.91 -13.34
C ASP B 60 10.48 -20.74 -13.05
N PHE B 61 9.87 -20.78 -11.86
CA PHE B 61 8.96 -19.74 -11.49
C PHE B 61 9.67 -18.37 -11.49
N PHE B 62 10.84 -18.27 -10.84
CA PHE B 62 11.47 -17.02 -10.80
C PHE B 62 11.98 -16.52 -12.16
N THR B 63 12.42 -17.43 -13.03
CA THR B 63 12.88 -17.07 -14.38
C THR B 63 11.73 -16.46 -15.15
N SER B 64 10.59 -17.14 -15.06
CA SER B 64 9.36 -16.65 -15.71
C SER B 64 8.83 -15.30 -15.14
N ALA B 65 8.92 -15.14 -13.83
CA ALA B 65 8.40 -13.93 -13.17
C ALA B 65 9.32 -12.74 -13.09
N GLN B 66 10.54 -12.85 -13.56
CA GLN B 66 11.45 -11.71 -13.37
C GLN B 66 11.24 -10.54 -14.28
N GLN B 67 11.17 -9.37 -13.68
CA GLN B 67 11.01 -8.16 -14.39
C GLN B 67 12.31 -7.37 -14.46
N GLN B 68 12.44 -6.56 -15.49
CA GLN B 68 13.61 -5.67 -15.53
C GLN B 68 13.29 -4.58 -14.50
N LEU B 69 14.30 -4.20 -13.75
CA LEU B 69 14.11 -3.22 -12.68
C LEU B 69 14.67 -1.84 -13.01
N PRO B 70 14.02 -0.77 -12.56
CA PRO B 70 14.39 0.64 -12.77
C PRO B 70 15.76 0.96 -12.26
N LYS B 71 16.56 1.54 -13.14
CA LYS B 71 17.92 1.89 -12.75
C LYS B 71 17.93 2.90 -11.56
N ASN B 72 18.89 2.67 -10.64
CA ASN B 72 19.11 3.51 -9.44
C ASN B 72 18.00 3.44 -8.40
N LYS B 73 17.02 2.58 -8.60
CA LYS B 73 15.94 2.60 -7.66
C LYS B 73 15.74 1.35 -6.84
N VAL B 74 16.61 0.37 -7.00
CA VAL B 74 16.40 -0.88 -6.23
C VAL B 74 16.85 -0.72 -4.78
N MET B 75 16.00 -1.19 -3.86
CA MET B 75 16.36 -1.15 -2.43
C MET B 75 16.32 -2.56 -1.86
N PHE B 76 17.25 -2.81 -0.93
CA PHE B 76 17.34 -4.07 -0.16
C PHE B 76 17.14 -3.62 1.27
N TRP B 77 16.69 -4.53 2.11
CA TRP B 77 16.51 -4.11 3.51
C TRP B 77 16.74 -5.29 4.46
N SER B 78 17.23 -5.02 5.68
CA SER B 78 17.42 -6.10 6.66
C SER B 78 16.93 -5.63 8.04
N GLY B 79 15.96 -6.36 8.61
CA GLY B 79 15.47 -6.05 9.95
C GLY B 79 14.69 -4.77 10.14
N VAL B 80 14.22 -4.16 9.04
CA VAL B 80 13.49 -2.89 9.09
C VAL B 80 12.31 -2.85 8.10
N TYR B 81 11.52 -3.91 8.09
CA TYR B 81 10.41 -3.94 7.12
C TYR B 81 9.55 -2.71 6.99
N ASP B 82 8.90 -2.30 8.09
CA ASP B 82 8.03 -1.16 7.99
C ASP B 82 8.70 0.11 7.56
N GLU B 83 9.84 0.38 8.19
CA GLU B 83 10.56 1.60 7.83
C GLU B 83 11.05 1.63 6.36
N ALA B 84 11.60 0.52 5.88
CA ALA B 84 12.08 0.50 4.49
C ALA B 84 10.91 0.64 3.52
N HIS B 85 9.80 -0.04 3.80
CA HIS B 85 8.72 0.05 2.86
C HIS B 85 8.02 1.39 2.95
N ASP B 86 7.98 1.97 4.13
CA ASP B 86 7.36 3.28 4.22
C ASP B 86 8.17 4.29 3.46
N TYR B 87 9.51 4.18 3.54
CA TYR B 87 10.41 5.09 2.83
C TYR B 87 10.41 4.86 1.33
N ALA B 88 10.41 3.60 0.88
CA ALA B 88 10.42 3.35 -0.58
C ALA B 88 9.12 3.87 -1.19
N ASN B 89 8.06 3.75 -0.40
CA ASN B 89 6.69 4.20 -0.71
C ASN B 89 6.06 3.62 -2.01
N THR B 90 5.87 2.29 -1.99
CA THR B 90 5.25 1.52 -3.09
C THR B 90 5.83 1.81 -4.46
N GLY B 91 7.14 1.84 -4.53
CA GLY B 91 7.79 2.13 -5.78
C GLY B 91 7.92 3.56 -6.24
N ARG B 92 7.38 4.52 -5.50
CA ARG B 92 7.50 5.92 -5.93
C ARG B 92 8.94 6.44 -5.79
N LYS B 93 9.59 6.16 -4.65
CA LYS B 93 10.98 6.59 -4.45
C LYS B 93 11.94 5.39 -4.71
N TYR B 94 11.63 4.21 -4.19
CA TYR B 94 12.47 3.05 -4.45
C TYR B 94 11.55 1.88 -4.65
N ILE B 95 12.09 0.85 -5.28
CA ILE B 95 11.36 -0.39 -5.46
C ILE B 95 11.91 -1.37 -4.42
N THR B 96 11.04 -2.17 -3.78
CA THR B 96 11.55 -3.26 -2.89
C THR B 96 11.14 -4.60 -3.54
N LEU B 97 11.64 -5.69 -3.01
CA LEU B 97 11.28 -7.01 -3.59
C LEU B 97 9.75 -7.21 -3.53
N GLU B 98 9.15 -6.65 -2.49
CA GLU B 98 7.72 -6.89 -2.30
C GLU B 98 6.85 -6.11 -3.27
N ASP B 99 7.47 -5.26 -4.09
CA ASP B 99 6.78 -4.48 -5.13
C ASP B 99 6.87 -5.21 -6.47
N THR B 100 7.79 -6.16 -6.60
CA THR B 100 7.92 -6.90 -7.86
C THR B 100 6.79 -7.93 -7.95
N LEU B 101 6.51 -8.44 -9.16
CA LEU B 101 5.41 -9.43 -9.28
C LEU B 101 5.50 -10.64 -8.33
N PRO B 102 6.65 -11.36 -8.28
CA PRO B 102 6.62 -12.46 -7.36
C PRO B 102 6.54 -12.08 -5.90
N GLY B 103 7.19 -10.99 -5.55
CA GLY B 103 7.20 -10.59 -4.12
C GLY B 103 5.78 -10.16 -3.75
N TYR B 104 5.11 -9.44 -4.65
CA TYR B 104 3.70 -9.02 -4.38
C TYR B 104 2.78 -10.19 -4.25
N MET B 105 2.91 -11.15 -5.15
CA MET B 105 2.02 -12.30 -5.08
C MET B 105 2.15 -13.17 -3.81
N LEU B 106 3.37 -13.42 -3.31
CA LEU B 106 3.53 -14.32 -2.18
C LEU B 106 3.78 -13.64 -0.86
N ASN B 107 3.93 -12.30 -0.85
CA ASN B 107 4.16 -11.60 0.44
C ASN B 107 3.10 -11.99 1.53
N SER B 108 3.63 -12.39 2.70
CA SER B 108 2.80 -12.78 3.85
C SER B 108 2.13 -14.10 3.71
N LEU B 109 2.28 -14.82 2.60
CA LEU B 109 1.56 -16.09 2.54
C LEU B 109 2.41 -17.22 3.12
N VAL B 110 1.69 -18.31 3.42
CA VAL B 110 2.27 -19.50 4.03
C VAL B 110 1.83 -20.72 3.29
N TRP B 111 2.79 -21.55 2.82
CA TRP B 111 2.34 -22.75 2.10
C TRP B 111 3.43 -23.83 2.17
N CYS B 112 3.05 -25.08 1.94
CA CYS B 112 4.07 -26.17 1.90
C CYS B 112 3.55 -27.38 1.18
N GLY B 113 4.48 -28.16 0.66
CA GLY B 113 4.04 -29.34 -0.04
C GLY B 113 3.85 -30.54 0.88
N GLN B 114 3.26 -31.58 0.31
CA GLN B 114 3.10 -32.91 0.97
C GLN B 114 3.10 -33.91 -0.18
N ARG B 115 3.52 -35.14 0.09
CA ARG B 115 3.53 -36.14 -0.97
C ARG B 115 2.12 -36.64 -1.41
N ALA B 116 1.22 -36.80 -0.45
CA ALA B 116 -0.11 -37.29 -0.78
C ALA B 116 -0.94 -36.23 -1.51
N ASN B 117 -1.85 -36.71 -2.36
CA ASN B 117 -2.74 -35.81 -3.07
C ASN B 117 -3.41 -34.90 -2.02
N PRO B 118 -3.67 -33.62 -2.35
CA PRO B 118 -3.51 -32.80 -3.54
C PRO B 118 -2.09 -32.22 -3.75
N GLY B 119 -1.16 -32.71 -2.98
CA GLY B 119 0.22 -32.31 -3.17
C GLY B 119 0.69 -31.15 -2.36
N PHE B 120 -0.21 -30.56 -1.59
CA PHE B 120 0.15 -29.43 -0.70
C PHE B 120 -0.66 -29.59 0.55
N ASN B 121 -0.14 -29.07 1.65
CA ASN B 121 -0.80 -29.24 2.93
C ASN B 121 -1.68 -28.05 3.28
N GLU B 122 -2.98 -28.31 3.35
CA GLU B 122 -3.94 -27.25 3.66
C GLU B 122 -4.20 -27.09 5.14
N LYS B 123 -3.64 -27.95 5.99
CA LYS B 123 -3.89 -27.82 7.43
C LYS B 123 -2.74 -27.30 8.23
N VAL B 124 -1.52 -27.74 7.94
CA VAL B 124 -0.42 -27.28 8.75
C VAL B 124 0.91 -27.27 7.98
N CYS B 125 1.75 -26.29 8.26
CA CYS B 125 3.08 -26.24 7.63
C CYS B 125 4.12 -26.27 8.77
N PRO B 126 5.31 -26.86 8.50
CA PRO B 126 6.32 -26.95 9.55
C PRO B 126 6.82 -25.65 10.12
N ASP B 127 7.29 -25.73 11.37
CA ASP B 127 7.83 -24.60 12.09
C ASP B 127 9.04 -24.05 11.36
N PHE B 128 9.29 -24.63 10.18
CA PHE B 128 10.41 -24.27 9.29
C PHE B 128 11.77 -24.31 9.96
N LYS B 129 11.75 -24.28 11.29
CA LYS B 129 12.95 -24.35 12.10
C LYS B 129 13.23 -25.86 12.13
N THR B 130 12.27 -26.60 11.58
CA THR B 130 12.34 -28.05 11.50
C THR B 130 12.98 -28.47 10.15
N CYS B 131 12.95 -27.57 9.16
CA CYS B 131 13.53 -27.82 7.83
C CYS B 131 14.97 -27.30 7.72
N PRO B 132 15.82 -27.96 6.91
CA PRO B 132 17.20 -27.44 6.82
C PRO B 132 17.19 -26.02 6.25
N VAL B 133 18.28 -25.29 6.44
CA VAL B 133 18.33 -23.90 5.95
C VAL B 133 18.06 -23.71 4.43
N GLN B 134 18.60 -24.57 3.58
CA GLN B 134 18.38 -24.43 2.13
C GLN B 134 16.91 -24.57 1.68
N ALA B 135 16.12 -25.24 2.51
CA ALA B 135 14.70 -25.47 2.26
C ALA B 135 13.92 -24.28 2.81
N ARG B 136 14.21 -23.94 4.06
CA ARG B 136 13.57 -22.82 4.76
C ARG B 136 13.67 -21.56 3.90
N GLU B 137 14.84 -21.37 3.29
CA GLU B 137 15.09 -20.19 2.45
C GLU B 137 14.95 -20.36 0.95
N SER B 138 14.46 -21.53 0.53
CA SER B 138 14.28 -21.83 -0.89
C SER B 138 13.54 -20.76 -1.72
N PHE B 139 12.37 -20.33 -1.25
CA PHE B 139 11.62 -19.35 -2.05
C PHE B 139 12.18 -17.97 -1.96
N TRP B 140 12.25 -17.42 -0.76
CA TRP B 140 12.71 -16.06 -0.64
C TRP B 140 14.19 -15.85 -0.98
N GLY B 141 14.96 -16.93 -0.85
CA GLY B 141 16.39 -16.86 -1.19
C GLY B 141 16.54 -16.75 -2.71
N MET B 142 15.72 -17.53 -3.41
CA MET B 142 15.78 -17.44 -4.85
C MET B 142 15.13 -16.12 -5.31
N ALA B 143 14.05 -15.68 -4.61
CA ALA B 143 13.47 -14.40 -5.00
C ALA B 143 14.53 -13.32 -4.88
N SER B 144 15.24 -13.29 -3.73
CA SER B 144 16.26 -12.26 -3.50
C SER B 144 17.45 -12.35 -4.49
N SER B 145 17.82 -13.56 -4.85
CA SER B 145 18.94 -13.76 -5.80
C SER B 145 18.58 -13.23 -7.20
N SER B 146 17.34 -13.56 -7.66
CA SER B 146 16.88 -13.10 -8.97
C SER B 146 16.70 -11.58 -8.97
N TYR B 147 16.10 -11.03 -7.88
CA TYR B 147 15.95 -9.62 -7.76
C TYR B 147 17.32 -8.87 -7.86
N ALA B 148 18.29 -9.31 -7.09
CA ALA B 148 19.60 -8.65 -7.02
C ALA B 148 20.32 -8.72 -8.35
N HIS B 149 20.20 -9.87 -9.01
CA HIS B 149 20.83 -10.07 -10.35
C HIS B 149 20.28 -9.06 -11.38
N SER B 150 19.03 -8.58 -11.21
CA SER B 150 18.48 -7.60 -12.16
C SER B 150 18.70 -6.12 -11.80
N ALA B 151 19.32 -5.86 -10.63
CA ALA B 151 19.55 -4.48 -10.20
C ALA B 151 20.61 -3.80 -11.03
N GLU B 152 20.39 -2.50 -11.28
CA GLU B 152 21.32 -1.68 -12.09
C GLU B 152 21.50 -0.30 -11.52
N GLY B 153 22.73 0.21 -11.65
CA GLY B 153 23.04 1.53 -11.17
C GLY B 153 23.26 1.53 -9.68
N GLU B 154 22.77 2.56 -9.02
CA GLU B 154 22.95 2.67 -7.58
C GLU B 154 21.94 1.81 -6.87
N VAL B 155 22.35 1.05 -5.86
CA VAL B 155 21.36 0.29 -5.08
C VAL B 155 21.45 0.81 -3.65
N THR B 156 20.34 0.70 -2.92
CA THR B 156 20.27 1.21 -1.56
C THR B 156 20.00 0.04 -0.64
N TYR B 157 20.60 0.08 0.55
CA TYR B 157 20.41 -0.98 1.48
C TYR B 157 20.10 -0.38 2.84
N MET B 158 18.93 -0.70 3.39
CA MET B 158 18.55 -0.11 4.71
C MET B 158 18.72 -1.13 5.77
N VAL B 159 19.37 -0.77 6.88
CA VAL B 159 19.64 -1.77 7.91
C VAL B 159 19.32 -1.25 9.30
N ASP B 160 19.27 -2.15 10.27
CA ASP B 160 18.92 -1.72 11.66
C ASP B 160 20.20 -1.50 12.43
N GLY B 161 20.49 -0.27 12.90
CA GLY B 161 21.69 -0.09 13.65
C GLY B 161 21.39 0.04 15.14
N SER B 162 20.24 -0.51 15.58
CA SER B 162 19.84 -0.38 17.00
C SER B 162 19.50 -1.71 17.60
N ASN B 163 20.01 -2.80 17.01
CA ASN B 163 19.61 -4.13 17.56
C ASN B 163 20.87 -4.74 18.20
N PRO B 164 20.93 -4.78 19.56
CA PRO B 164 22.08 -5.31 20.29
C PRO B 164 22.29 -6.80 20.02
N LYS B 165 21.33 -7.49 19.43
CA LYS B 165 21.53 -8.91 19.17
C LYS B 165 21.77 -9.34 17.71
N VAL B 166 21.67 -8.39 16.78
CA VAL B 166 21.80 -8.68 15.37
C VAL B 166 22.55 -7.54 14.70
N PRO B 167 23.76 -7.81 14.22
CA PRO B 167 24.45 -6.69 13.59
C PRO B 167 23.77 -6.18 12.32
N ALA B 168 24.12 -4.96 11.98
CA ALA B 168 23.54 -4.29 10.83
C ALA B 168 23.77 -5.10 9.60
N TYR B 169 25.00 -5.58 9.39
CA TYR B 169 25.32 -6.43 8.27
C TYR B 169 25.80 -7.78 8.76
N ARG B 170 25.29 -8.86 8.15
CA ARG B 170 25.71 -10.22 8.54
C ARG B 170 25.82 -11.04 7.28
N PRO B 171 26.83 -11.89 7.14
CA PRO B 171 26.93 -12.70 5.91
C PRO B 171 25.81 -13.75 5.72
N ASP B 172 25.11 -14.10 6.77
CA ASP B 172 24.03 -15.08 6.63
C ASP B 172 22.63 -14.49 6.54
N SER B 173 22.52 -13.17 6.42
CA SER B 173 21.18 -12.59 6.24
C SER B 173 20.85 -12.83 4.75
N PHE B 174 19.62 -12.54 4.35
CA PHE B 174 19.28 -12.72 2.93
C PHE B 174 20.14 -11.78 2.07
N PHE B 175 20.41 -10.59 2.58
CA PHE B 175 21.27 -9.69 1.81
C PHE B 175 22.69 -10.27 1.68
N GLY B 176 23.26 -10.72 2.80
CA GLY B 176 24.62 -11.23 2.74
C GLY B 176 24.79 -12.51 1.93
N LYS B 177 23.78 -13.37 2.00
CA LYS B 177 23.85 -14.68 1.38
C LYS B 177 23.36 -14.68 -0.08
N TYR B 178 22.32 -13.90 -0.33
CA TYR B 178 21.68 -13.89 -1.66
C TYR B 178 21.70 -12.63 -2.49
N GLU B 179 21.83 -11.46 -1.87
CA GLU B 179 21.78 -10.31 -2.69
C GLU B 179 23.18 -9.77 -3.05
N LEU B 180 23.96 -9.36 -2.05
CA LEU B 180 25.30 -8.81 -2.35
C LEU B 180 26.10 -9.68 -3.34
N PRO B 181 26.15 -11.03 -3.12
CA PRO B 181 26.91 -11.90 -4.05
C PRO B 181 26.36 -11.89 -5.48
N ASN B 182 25.09 -11.47 -5.67
CA ASN B 182 24.54 -11.47 -7.03
C ASN B 182 24.44 -10.12 -7.70
N LEU B 183 24.99 -9.07 -7.05
CA LEU B 183 25.01 -7.76 -7.70
C LEU B 183 26.02 -7.87 -8.87
N THR B 184 25.60 -7.41 -10.05
CA THR B 184 26.44 -7.51 -11.24
C THR B 184 27.24 -6.28 -11.53
N ASN B 185 28.08 -6.36 -12.57
CA ASN B 185 28.88 -5.19 -12.96
C ASN B 185 28.01 -4.02 -13.45
N LYS B 186 26.71 -4.25 -13.52
CA LYS B 186 25.73 -3.22 -13.89
C LYS B 186 25.46 -2.28 -12.69
N VAL B 187 25.81 -2.76 -11.50
CA VAL B 187 25.62 -1.96 -10.27
C VAL B 187 26.83 -1.07 -10.12
N THR B 188 26.63 0.15 -9.66
CA THR B 188 27.77 1.04 -9.58
C THR B 188 28.09 1.51 -8.18
N ARG B 189 27.12 1.38 -7.29
CA ARG B 189 27.30 1.91 -5.94
C ARG B 189 26.32 1.27 -4.99
N VAL B 190 26.73 1.04 -3.73
CA VAL B 190 25.82 0.45 -2.69
C VAL B 190 25.74 1.57 -1.72
N LYS B 191 24.52 2.07 -1.49
CA LYS B 191 24.26 3.18 -0.63
C LYS B 191 23.57 2.65 0.60
N VAL B 192 24.26 2.67 1.74
CA VAL B 192 23.68 2.13 2.97
C VAL B 192 23.00 3.21 3.81
N ILE B 193 21.79 2.89 4.30
CA ILE B 193 21.02 3.77 5.19
C ILE B 193 20.88 2.98 6.50
N VAL B 194 21.49 3.51 7.57
CA VAL B 194 21.47 2.87 8.89
C VAL B 194 20.35 3.50 9.72
N LEU B 195 19.35 2.72 10.09
CA LEU B 195 18.29 3.27 10.89
C LEU B 195 18.68 3.23 12.41
N HIS B 196 18.59 4.37 13.07
CA HIS B 196 18.85 4.44 14.52
C HIS B 196 17.48 4.72 15.10
N ARG B 197 16.86 3.68 15.64
CA ARG B 197 15.48 3.80 16.12
C ARG B 197 15.35 4.91 17.20
N LEU B 198 14.24 5.64 17.18
CA LEU B 198 14.10 6.72 18.13
C LEU B 198 14.01 6.22 19.56
N GLY B 199 14.78 6.87 20.41
CA GLY B 199 14.70 6.50 21.82
C GLY B 199 15.52 5.31 22.23
N GLU B 200 16.21 4.68 21.29
CA GLU B 200 17.02 3.51 21.61
C GLU B 200 18.50 3.74 21.42
N LYS B 201 19.28 2.91 22.13
CA LYS B 201 20.71 2.99 22.11
C LYS B 201 21.23 2.65 20.71
N ILE B 202 22.17 3.47 20.23
CA ILE B 202 22.85 3.24 18.97
C ILE B 202 23.82 2.08 19.16
N ILE B 203 23.69 1.06 18.32
CA ILE B 203 24.52 -0.13 18.40
C ILE B 203 25.58 -0.11 17.30
N GLU B 204 25.15 0.21 16.09
CA GLU B 204 26.08 0.23 14.93
C GLU B 204 26.11 1.58 14.24
N LYS B 205 27.30 1.97 13.79
CA LYS B 205 27.51 3.24 13.12
C LYS B 205 28.29 3.04 11.85
N CYS B 206 28.10 3.94 10.88
CA CYS B 206 28.86 3.85 9.62
C CYS B 206 30.36 3.94 9.95
N GLY B 207 31.18 3.24 9.18
CA GLY B 207 32.62 3.27 9.33
C GLY B 207 33.18 2.45 10.47
N ALA B 208 32.35 1.60 11.05
CA ALA B 208 32.76 0.79 12.16
C ALA B 208 32.02 -0.55 12.20
N GLY B 209 32.57 -1.51 12.94
CA GLY B 209 31.94 -2.81 13.09
C GLY B 209 31.56 -3.52 11.79
N SER B 210 30.35 -4.08 11.79
CA SER B 210 29.92 -4.83 10.62
C SER B 210 29.78 -3.92 9.39
N LEU B 211 29.56 -2.62 9.57
CA LEU B 211 29.41 -1.71 8.42
C LEU B 211 30.76 -1.50 7.72
N LEU B 212 31.83 -1.65 8.51
CA LEU B 212 33.17 -1.52 7.98
C LEU B 212 33.40 -2.78 7.18
N ASP B 213 32.93 -3.94 7.67
CA ASP B 213 33.11 -5.20 6.95
C ASP B 213 32.35 -5.11 5.63
N LEU B 214 31.12 -4.60 5.70
CA LEU B 214 30.34 -4.48 4.45
C LEU B 214 31.06 -3.58 3.45
N GLU B 215 31.62 -2.49 3.94
CA GLU B 215 32.28 -1.53 3.05
C GLU B 215 33.42 -2.22 2.27
N LYS B 216 34.17 -3.07 2.97
CA LYS B 216 35.28 -3.76 2.34
C LYS B 216 34.79 -4.71 1.23
N LEU B 217 33.68 -5.42 1.51
CA LEU B 217 33.09 -6.37 0.55
C LEU B 217 32.60 -5.62 -0.69
N VAL B 218 31.96 -4.49 -0.46
CA VAL B 218 31.42 -3.71 -1.57
C VAL B 218 32.54 -3.18 -2.45
N LYS B 219 33.57 -2.66 -1.81
CA LYS B 219 34.68 -2.14 -2.57
C LYS B 219 35.42 -3.20 -3.38
N ALA B 220 35.46 -4.43 -2.84
CA ALA B 220 36.14 -5.57 -3.45
C ALA B 220 35.43 -5.99 -4.74
N LYS B 221 34.18 -5.56 -4.89
CA LYS B 221 33.42 -5.85 -6.08
C LYS B 221 33.46 -4.67 -7.04
N HIS B 222 34.37 -3.75 -6.75
CA HIS B 222 34.57 -2.50 -7.48
C HIS B 222 33.37 -1.56 -7.50
N PHE B 223 32.51 -1.63 -6.48
CA PHE B 223 31.40 -0.69 -6.47
C PHE B 223 31.77 0.45 -5.54
N ALA B 224 31.15 1.61 -5.76
CA ALA B 224 31.33 2.75 -4.88
C ALA B 224 30.48 2.41 -3.62
N PHE B 225 30.73 3.15 -2.53
CA PHE B 225 30.07 2.90 -1.25
C PHE B 225 29.85 4.16 -0.50
N ASP B 226 28.69 4.28 0.14
CA ASP B 226 28.47 5.44 0.97
C ASP B 226 27.52 4.95 2.03
N CYS B 227 27.53 5.66 3.17
CA CYS B 227 26.70 5.23 4.27
C CYS B 227 26.28 6.46 5.07
N VAL B 228 24.99 6.52 5.42
CA VAL B 228 24.46 7.62 6.21
C VAL B 228 23.54 7.04 7.32
N GLU B 229 23.44 7.75 8.46
CA GLU B 229 22.61 7.29 9.59
C GLU B 229 21.43 8.24 9.75
N ASN B 230 20.21 7.71 9.80
CA ASN B 230 19.01 8.57 9.90
C ASN B 230 19.04 9.83 9.04
N PRO B 231 19.14 9.61 7.73
CA PRO B 231 19.15 10.74 6.79
C PRO B 231 17.79 11.47 7.01
N ARG B 232 17.76 12.79 6.79
CA ARG B 232 16.56 13.54 7.11
C ARG B 232 15.23 12.96 6.61
N ALA B 233 15.20 12.51 5.37
CA ALA B 233 13.99 11.95 4.79
C ALA B 233 13.45 10.82 5.64
N VAL B 234 14.35 9.97 6.13
CA VAL B 234 13.97 8.84 6.97
C VAL B 234 13.65 9.29 8.39
N LEU B 235 14.50 10.13 8.94
CA LEU B 235 14.25 10.63 10.30
C LEU B 235 12.83 11.23 10.39
N PHE B 236 12.44 12.04 9.40
CA PHE B 236 11.09 12.62 9.48
C PHE B 236 9.97 11.55 9.48
N LEU B 237 10.18 10.46 8.75
CA LEU B 237 9.18 9.40 8.76
C LEU B 237 9.12 8.78 10.15
N LEU B 238 10.28 8.56 10.76
CA LEU B 238 10.25 7.98 12.12
C LEU B 238 9.53 8.96 13.11
N CYS B 239 9.80 10.24 12.95
CA CYS B 239 9.22 11.24 13.80
C CYS B 239 7.71 11.33 13.60
N SER B 240 7.23 11.05 12.39
CA SER B 240 5.79 11.16 12.15
C SER B 240 5.05 10.16 13.04
N ASP B 241 5.70 9.03 13.30
CA ASP B 241 5.09 8.01 14.12
C ASP B 241 5.38 8.13 15.61
N ASN B 242 6.20 9.11 16.01
CA ASN B 242 6.58 9.29 17.40
C ASN B 242 7.06 10.75 17.43
N PRO B 243 6.14 11.70 17.21
CA PRO B 243 6.42 13.12 17.16
C PRO B 243 6.99 13.76 18.42
N ASN B 244 6.84 13.09 19.55
CA ASN B 244 7.41 13.66 20.80
C ASN B 244 8.80 13.15 21.13
N ALA B 245 9.38 12.35 20.24
CA ALA B 245 10.74 11.81 20.47
C ALA B 245 11.74 12.95 20.56
N ARG B 246 12.77 12.79 21.39
CA ARG B 246 13.76 13.84 21.53
C ARG B 246 14.49 14.20 20.24
N GLU B 247 14.68 13.22 19.37
CA GLU B 247 15.33 13.43 18.10
C GLU B 247 14.58 14.35 17.11
N CYS B 248 13.31 14.55 17.38
CA CYS B 248 12.43 15.31 16.49
C CYS B 248 12.21 16.76 16.99
N ARG B 249 13.05 17.23 17.90
CA ARG B 249 12.88 18.63 18.35
C ARG B 249 13.10 19.58 17.17
N LEU B 250 12.18 20.53 16.97
CA LEU B 250 12.30 21.50 15.87
C LEU B 250 13.00 22.81 16.29
N ALA B 251 13.58 23.56 15.35
CA ALA B 251 14.20 24.83 15.75
C ALA B 251 13.07 25.80 16.22
#